data_7YFS
#
_entry.id   7YFS
#
_entity_poly.entity_id   1
_entity_poly.type   'polypeptide(L)'
_entity_poly.pdbx_seq_one_letter_code
;APSNVLSTLLHGRACV
;
_entity_poly.pdbx_strand_id   A
#
# COMPACT_ATOMS: atom_id res chain seq x y z
N ALA A 1 -5.22 -5.44 2.07
CA ALA A 1 -3.99 -6.28 2.13
C ALA A 1 -2.77 -5.38 1.95
N PRO A 2 -1.60 -5.91 2.21
CA PRO A 2 -0.32 -5.14 2.07
C PRO A 2 -0.12 -4.62 0.65
N SER A 3 0.49 -3.45 0.55
CA SER A 3 0.75 -2.82 -0.74
C SER A 3 1.36 -3.83 -1.72
N ASN A 4 2.57 -4.30 -1.40
CA ASN A 4 3.27 -5.25 -2.25
C ASN A 4 3.72 -4.58 -3.54
N VAL A 5 2.77 -4.29 -4.42
CA VAL A 5 3.08 -3.64 -5.68
C VAL A 5 2.62 -2.19 -5.65
N LEU A 6 1.35 -1.98 -5.31
CA LEU A 6 0.80 -0.63 -5.26
C LEU A 6 0.90 -0.06 -3.83
N SER A 7 1.16 -0.91 -2.85
CA SER A 7 1.28 -0.45 -1.47
C SER A 7 2.36 0.63 -1.38
N THR A 8 3.55 0.29 -1.88
CA THR A 8 4.70 1.21 -1.86
C THR A 8 4.31 2.65 -2.21
N LEU A 9 3.26 2.82 -3.01
CA LEU A 9 2.85 4.17 -3.40
C LEU A 9 1.53 4.61 -2.75
N LEU A 10 0.81 3.67 -2.14
CA LEU A 10 -0.47 4.00 -1.51
C LEU A 10 -0.43 3.72 -0.01
N HIS A 11 0.68 4.04 0.64
CA HIS A 11 0.81 3.82 2.07
C HIS A 11 -0.04 4.82 2.85
N GLY A 12 -0.62 4.35 3.95
CA GLY A 12 -1.46 5.21 4.79
C GLY A 12 -2.88 5.33 4.23
N ARG A 13 -3.15 4.64 3.13
CA ARG A 13 -4.47 4.69 2.52
C ARG A 13 -5.00 3.29 2.21
N ALA A 14 -4.53 2.72 1.11
CA ALA A 14 -4.95 1.40 0.70
C ALA A 14 -4.05 0.31 1.28
N CYS A 15 -2.93 0.70 1.87
CA CYS A 15 -2.01 -0.28 2.45
C CYS A 15 -1.21 0.33 3.60
N VAL A 16 -0.58 -0.53 4.38
CA VAL A 16 0.21 -0.08 5.52
C VAL A 16 1.39 0.78 5.05
N ALA A 1 -5.22 -5.44 2.07
CA ALA A 1 -3.99 -6.28 2.13
C ALA A 1 -2.77 -5.38 1.95
N PRO A 2 -1.60 -5.91 2.21
CA PRO A 2 -0.32 -5.14 2.07
C PRO A 2 -0.12 -4.62 0.65
N SER A 3 0.50 -3.44 0.56
CA SER A 3 0.75 -2.82 -0.74
C SER A 3 1.36 -3.82 -1.71
N ASN A 4 2.58 -4.28 -1.39
CA ASN A 4 3.28 -5.25 -2.23
C ASN A 4 3.72 -4.58 -3.54
N VAL A 5 2.77 -4.29 -4.42
CA VAL A 5 3.08 -3.64 -5.68
C VAL A 5 2.61 -2.19 -5.65
N LEU A 6 1.35 -1.98 -5.31
CA LEU A 6 0.79 -0.63 -5.24
C LEU A 6 0.90 -0.05 -3.84
N SER A 7 1.16 -0.91 -2.85
CA SER A 7 1.28 -0.45 -1.47
C SER A 7 2.36 0.63 -1.38
N THR A 8 3.55 0.30 -1.89
CA THR A 8 4.70 1.21 -1.87
C THR A 8 4.30 2.65 -2.22
N LEU A 9 3.25 2.83 -3.01
CA LEU A 9 2.84 4.18 -3.41
C LEU A 9 1.53 4.61 -2.75
N LEU A 10 0.81 3.68 -2.13
CA LEU A 10 -0.46 4.01 -1.50
C LEU A 10 -0.43 3.71 0.01
N HIS A 11 0.69 4.04 0.65
CA HIS A 11 0.83 3.82 2.09
C HIS A 11 -0.04 4.81 2.87
N GLY A 12 -0.63 4.32 3.97
CA GLY A 12 -1.47 5.17 4.80
C GLY A 12 -2.88 5.31 4.23
N ARG A 13 -3.14 4.65 3.09
CA ARG A 13 -4.46 4.73 2.47
C ARG A 13 -5.00 3.32 2.18
N ALA A 14 -4.52 2.72 1.10
CA ALA A 14 -4.97 1.39 0.72
C ALA A 14 -4.07 0.30 1.29
N CYS A 15 -2.94 0.69 1.88
CA CYS A 15 -2.01 -0.28 2.45
C CYS A 15 -1.21 0.33 3.60
N VAL A 16 -0.58 -0.53 4.38
CA VAL A 16 0.21 -0.09 5.52
C VAL A 16 1.38 0.78 5.05
N ALA A 1 -5.20 -5.48 2.06
CA ALA A 1 -3.97 -6.31 2.12
C ALA A 1 -2.74 -5.41 1.95
N PRO A 2 -1.58 -5.93 2.20
CA PRO A 2 -0.31 -5.16 2.07
C PRO A 2 -0.11 -4.62 0.65
N SER A 3 0.49 -3.43 0.56
CA SER A 3 0.74 -2.80 -0.73
C SER A 3 1.36 -3.78 -1.70
N ASN A 4 2.54 -4.28 -1.36
CA ASN A 4 3.25 -5.23 -2.22
C ASN A 4 3.69 -4.53 -3.51
N VAL A 5 2.77 -4.41 -4.45
CA VAL A 5 3.07 -3.75 -5.71
C VAL A 5 2.63 -2.28 -5.68
N LEU A 6 1.38 -2.04 -5.31
CA LEU A 6 0.86 -0.67 -5.26
C LEU A 6 0.94 -0.07 -3.87
N SER A 7 1.19 -0.91 -2.85
CA SER A 7 1.28 -0.44 -1.48
C SER A 7 2.35 0.64 -1.39
N THR A 8 3.55 0.31 -1.89
CA THR A 8 4.70 1.23 -1.88
C THR A 8 4.30 2.67 -2.22
N LEU A 9 3.25 2.85 -3.01
CA LEU A 9 2.84 4.20 -3.40
C LEU A 9 1.53 4.63 -2.75
N LEU A 10 0.80 3.69 -2.14
CA LEU A 10 -0.47 4.02 -1.50
C LEU A 10 -0.44 3.73 0.00
N HIS A 11 0.68 4.05 0.65
CA HIS A 11 0.81 3.83 2.08
C HIS A 11 -0.04 4.83 2.87
N GLY A 12 -0.60 4.35 3.98
CA GLY A 12 -1.43 5.21 4.83
C GLY A 12 -2.86 5.32 4.29
N ARG A 13 -3.15 4.62 3.20
CA ARG A 13 -4.49 4.67 2.61
C ARG A 13 -4.98 3.27 2.26
N ALA A 14 -4.55 2.77 1.10
CA ALA A 14 -4.97 1.45 0.65
C ALA A 14 -4.07 0.35 1.23
N CYS A 15 -2.94 0.74 1.83
CA CYS A 15 -2.03 -0.25 2.40
C CYS A 15 -1.24 0.35 3.56
N VAL A 16 -0.61 -0.51 4.34
CA VAL A 16 0.18 -0.08 5.49
C VAL A 16 1.36 0.77 5.03
N ALA A 1 -5.32 -5.22 2.05
CA ALA A 1 -4.13 -6.10 2.12
C ALA A 1 -2.87 -5.26 1.94
N PRO A 2 -1.71 -5.82 2.18
CA PRO A 2 -0.40 -5.11 2.04
C PRO A 2 -0.19 -4.58 0.63
N SER A 3 0.50 -3.45 0.53
CA SER A 3 0.77 -2.83 -0.76
C SER A 3 1.42 -3.83 -1.71
N ASN A 4 2.63 -4.27 -1.37
CA ASN A 4 3.37 -5.21 -2.20
C ASN A 4 3.80 -4.54 -3.51
N VAL A 5 2.84 -4.35 -4.42
CA VAL A 5 3.14 -3.71 -5.69
C VAL A 5 2.68 -2.25 -5.67
N LEU A 6 1.41 -2.04 -5.32
CA LEU A 6 0.85 -0.69 -5.27
C LEU A 6 0.95 -0.09 -3.86
N SER A 7 1.19 -0.94 -2.87
CA SER A 7 1.29 -0.45 -1.49
C SER A 7 2.36 0.63 -1.41
N THR A 8 3.55 0.31 -1.90
CA THR A 8 4.68 1.23 -1.89
C THR A 8 4.28 2.66 -2.24
N LEU A 9 3.23 2.82 -3.04
CA LEU A 9 2.79 4.16 -3.45
C LEU A 9 1.48 4.60 -2.79
N LEU A 10 0.77 3.66 -2.16
CA LEU A 10 -0.50 3.97 -1.53
C LEU A 10 -0.47 3.68 -0.02
N HIS A 11 0.64 4.04 0.62
CA HIS A 11 0.77 3.81 2.07
C HIS A 11 -0.08 4.80 2.84
N GLY A 12 -0.62 4.34 3.98
CA GLY A 12 -1.45 5.19 4.82
C GLY A 12 -2.89 5.28 4.32
N ARG A 13 -3.21 4.57 3.25
CA ARG A 13 -4.56 4.61 2.71
C ARG A 13 -5.03 3.21 2.29
N ALA A 14 -4.51 2.72 1.17
CA ALA A 14 -4.89 1.40 0.69
C ALA A 14 -4.00 0.29 1.26
N CYS A 15 -2.88 0.69 1.87
CA CYS A 15 -1.95 -0.28 2.44
C CYS A 15 -1.16 0.32 3.59
N VAL A 16 -0.53 -0.54 4.37
CA VAL A 16 0.27 -0.10 5.51
C VAL A 16 1.43 0.77 5.05
N ALA A 1 -5.27 -5.43 1.97
CA ALA A 1 -4.03 -6.27 2.06
C ALA A 1 -2.80 -5.38 1.90
N PRO A 2 -1.64 -5.91 2.18
CA PRO A 2 -0.36 -5.14 2.06
C PRO A 2 -0.14 -4.63 0.64
N SER A 3 0.48 -3.45 0.55
CA SER A 3 0.75 -2.84 -0.76
C SER A 3 1.39 -3.86 -1.70
N ASN A 4 2.60 -4.30 -1.36
CA ASN A 4 3.32 -5.27 -2.18
C ASN A 4 3.78 -4.60 -3.48
N VAL A 5 2.84 -4.34 -4.38
CA VAL A 5 3.17 -3.70 -5.64
C VAL A 5 2.70 -2.24 -5.64
N LEU A 6 1.43 -2.04 -5.31
CA LEU A 6 0.85 -0.71 -5.28
C LEU A 6 0.94 -0.10 -3.87
N SER A 7 1.18 -0.95 -2.87
CA SER A 7 1.29 -0.47 -1.49
C SER A 7 2.35 0.61 -1.41
N THR A 8 3.53 0.30 -1.94
CA THR A 8 4.67 1.23 -1.94
C THR A 8 4.28 2.66 -2.30
N LEU A 9 3.17 2.83 -3.02
CA LEU A 9 2.75 4.18 -3.43
C LEU A 9 1.45 4.62 -2.74
N LEU A 10 0.72 3.70 -2.14
CA LEU A 10 -0.53 4.04 -1.47
C LEU A 10 -0.47 3.74 0.03
N HIS A 11 0.66 4.06 0.65
CA HIS A 11 0.82 3.83 2.08
C HIS A 11 -0.02 4.82 2.88
N GLY A 12 -0.58 4.35 3.99
CA GLY A 12 -1.39 5.20 4.85
C GLY A 12 -2.83 5.31 4.32
N ARG A 13 -3.13 4.62 3.23
CA ARG A 13 -4.47 4.67 2.66
C ARG A 13 -4.96 3.27 2.30
N ALA A 14 -4.54 2.78 1.14
CA ALA A 14 -4.96 1.46 0.68
C ALA A 14 -4.07 0.36 1.26
N CYS A 15 -2.93 0.75 1.84
CA CYS A 15 -2.02 -0.23 2.42
C CYS A 15 -1.22 0.37 3.56
N VAL A 16 -0.59 -0.49 4.35
CA VAL A 16 0.21 -0.04 5.49
C VAL A 16 1.39 0.80 5.00
N ALA A 1 -5.30 -5.22 2.10
CA ALA A 1 -4.10 -6.11 2.14
C ALA A 1 -2.84 -5.26 1.95
N PRO A 2 -1.69 -5.83 2.19
CA PRO A 2 -0.39 -5.12 2.05
C PRO A 2 -0.17 -4.58 0.63
N SER A 3 0.50 -3.45 0.53
CA SER A 3 0.77 -2.82 -0.76
C SER A 3 1.43 -3.82 -1.71
N ASN A 4 2.64 -4.26 -1.36
CA ASN A 4 3.38 -5.20 -2.21
C ASN A 4 3.79 -4.52 -3.51
N VAL A 5 2.84 -4.35 -4.42
CA VAL A 5 3.12 -3.71 -5.70
C VAL A 5 2.66 -2.26 -5.68
N LEU A 6 1.39 -2.04 -5.31
CA LEU A 6 0.84 -0.69 -5.27
C LEU A 6 0.93 -0.09 -3.86
N SER A 7 1.19 -0.93 -2.86
CA SER A 7 1.29 -0.45 -1.48
C SER A 7 2.36 0.63 -1.40
N THR A 8 3.54 0.32 -1.92
CA THR A 8 4.67 1.24 -1.91
C THR A 8 4.27 2.68 -2.25
N LEU A 9 3.21 2.85 -3.03
CA LEU A 9 2.78 4.19 -3.43
C LEU A 9 1.47 4.62 -2.76
N LEU A 10 0.77 3.67 -2.13
CA LEU A 10 -0.50 3.99 -1.48
C LEU A 10 -0.45 3.70 0.02
N HIS A 11 0.67 4.04 0.66
CA HIS A 11 0.82 3.81 2.10
C HIS A 11 -0.04 4.79 2.89
N GLY A 12 -0.62 4.30 3.97
CA GLY A 12 -1.47 5.13 4.82
C GLY A 12 -2.88 5.26 4.26
N ARG A 13 -3.14 4.62 3.12
CA ARG A 13 -4.46 4.68 2.50
C ARG A 13 -5.00 3.28 2.22
N ALA A 14 -4.52 2.69 1.13
CA ALA A 14 -4.98 1.36 0.75
C ALA A 14 -4.06 0.27 1.31
N CYS A 15 -2.92 0.68 1.88
CA CYS A 15 -1.99 -0.30 2.43
C CYS A 15 -1.19 0.31 3.58
N VAL A 16 -0.55 -0.56 4.36
CA VAL A 16 0.26 -0.12 5.50
C VAL A 16 1.42 0.75 5.04
N ALA A 1 -5.37 -5.35 1.86
CA ALA A 1 -4.15 -6.20 1.98
C ALA A 1 -2.91 -5.33 1.83
N PRO A 2 -1.75 -5.86 2.13
CA PRO A 2 -0.46 -5.12 2.03
C PRO A 2 -0.20 -4.61 0.63
N SER A 3 0.46 -3.45 0.53
CA SER A 3 0.77 -2.86 -0.76
C SER A 3 1.50 -3.86 -1.65
N ASN A 4 2.70 -4.25 -1.25
CA ASN A 4 3.52 -5.18 -2.02
C ASN A 4 3.96 -4.53 -3.33
N VAL A 5 3.04 -4.41 -4.29
CA VAL A 5 3.36 -3.80 -5.57
C VAL A 5 2.83 -2.36 -5.62
N LEU A 6 1.55 -2.20 -5.30
CA LEU A 6 0.93 -0.87 -5.32
C LEU A 6 0.97 -0.22 -3.93
N SER A 7 1.20 -1.02 -2.89
CA SER A 7 1.25 -0.49 -1.53
C SER A 7 2.30 0.62 -1.45
N THR A 8 3.47 0.33 -2.02
CA THR A 8 4.59 1.28 -2.03
C THR A 8 4.17 2.71 -2.38
N LEU A 9 3.03 2.87 -3.06
CA LEU A 9 2.59 4.22 -3.46
C LEU A 9 1.32 4.66 -2.74
N LEU A 10 0.59 3.72 -2.13
CA LEU A 10 -0.65 4.07 -1.43
C LEU A 10 -0.54 3.79 0.07
N HIS A 11 0.62 4.10 0.64
CA HIS A 11 0.82 3.88 2.07
C HIS A 11 -0.01 4.87 2.90
N GLY A 12 -0.55 4.39 4.01
CA GLY A 12 -1.35 5.24 4.89
C GLY A 12 -2.79 5.38 4.38
N ARG A 13 -3.10 4.71 3.27
CA ARG A 13 -4.45 4.79 2.71
C ARG A 13 -5.01 3.41 2.39
N ALA A 14 -4.60 2.85 1.25
CA ALA A 14 -5.07 1.54 0.84
C ALA A 14 -4.15 0.42 1.34
N CYS A 15 -2.99 0.78 1.88
CA CYS A 15 -2.06 -0.22 2.37
C CYS A 15 -1.19 0.34 3.49
N VAL A 16 -0.54 -0.56 4.23
CA VAL A 16 0.33 -0.17 5.33
C VAL A 16 1.73 0.16 4.83
N ALA A 1 -5.26 -5.78 1.85
CA ALA A 1 -3.99 -6.55 1.95
C ALA A 1 -2.81 -5.60 1.81
N PRO A 2 -1.62 -6.05 2.10
CA PRO A 2 -0.39 -5.22 2.00
C PRO A 2 -0.16 -4.67 0.59
N SER A 3 0.40 -3.47 0.51
CA SER A 3 0.65 -2.82 -0.77
C SER A 3 1.33 -3.80 -1.74
N ASN A 4 2.43 -4.39 -1.30
CA ASN A 4 3.19 -5.30 -2.15
C ASN A 4 3.79 -4.52 -3.32
N VAL A 5 2.99 -4.29 -4.35
CA VAL A 5 3.43 -3.53 -5.50
C VAL A 5 2.85 -2.12 -5.44
N LEU A 6 1.52 -2.05 -5.37
CA LEU A 6 0.82 -0.77 -5.31
C LEU A 6 0.99 -0.12 -3.93
N SER A 7 1.03 -0.94 -2.88
CA SER A 7 1.16 -0.45 -1.51
C SER A 7 2.27 0.62 -1.44
N THR A 8 3.44 0.27 -1.96
CA THR A 8 4.60 1.16 -1.96
C THR A 8 4.22 2.60 -2.30
N LEU A 9 3.17 2.79 -3.09
CA LEU A 9 2.77 4.14 -3.49
C LEU A 9 1.48 4.60 -2.81
N LEU A 10 0.75 3.68 -2.19
CA LEU A 10 -0.51 4.03 -1.53
C LEU A 10 -0.47 3.74 -0.02
N HIS A 11 0.67 4.06 0.60
CA HIS A 11 0.82 3.84 2.04
C HIS A 11 -0.01 4.86 2.83
N GLY A 12 -0.55 4.42 3.97
CA GLY A 12 -1.34 5.31 4.82
C GLY A 12 -2.78 5.42 4.32
N ARG A 13 -3.11 4.72 3.23
CA ARG A 13 -4.46 4.77 2.69
C ARG A 13 -4.98 3.38 2.37
N ALA A 14 -4.55 2.84 1.23
CA ALA A 14 -4.99 1.51 0.81
C ALA A 14 -4.07 0.42 1.36
N CYS A 15 -2.94 0.80 1.93
CA CYS A 15 -2.01 -0.18 2.48
C CYS A 15 -1.18 0.42 3.62
N VAL A 16 -0.54 -0.45 4.39
CA VAL A 16 0.28 -0.01 5.51
C VAL A 16 1.44 0.84 5.03
N ALA A 1 -5.29 -5.72 1.67
CA ALA A 1 -4.04 -6.49 1.85
C ALA A 1 -2.84 -5.55 1.74
N PRO A 2 -1.67 -6.00 2.10
CA PRO A 2 -0.42 -5.19 2.04
C PRO A 2 -0.14 -4.67 0.64
N SER A 3 0.41 -3.46 0.56
CA SER A 3 0.72 -2.85 -0.74
C SER A 3 1.46 -3.83 -1.64
N ASN A 4 2.64 -4.27 -1.22
CA ASN A 4 3.45 -5.19 -2.00
C ASN A 4 3.92 -4.50 -3.29
N VAL A 5 3.05 -4.45 -4.28
CA VAL A 5 3.40 -3.81 -5.54
C VAL A 5 2.89 -2.36 -5.60
N LEU A 6 1.61 -2.17 -5.27
CA LEU A 6 1.01 -0.84 -5.29
C LEU A 6 1.03 -0.20 -3.90
N SER A 7 1.18 -1.01 -2.87
CA SER A 7 1.22 -0.48 -1.50
C SER A 7 2.27 0.61 -1.44
N THR A 8 3.43 0.33 -2.02
CA THR A 8 4.54 1.27 -2.06
C THR A 8 4.09 2.68 -2.45
N LEU A 9 2.97 2.77 -3.16
CA LEU A 9 2.48 4.08 -3.63
C LEU A 9 1.27 4.58 -2.83
N LEU A 10 0.57 3.70 -2.13
CA LEU A 10 -0.62 4.11 -1.38
C LEU A 10 -0.50 3.81 0.12
N HIS A 11 0.66 4.13 0.68
CA HIS A 11 0.88 3.91 2.10
C HIS A 11 0.07 4.88 2.94
N GLY A 12 -0.48 4.41 4.05
CA GLY A 12 -1.27 5.24 4.94
C GLY A 12 -2.71 5.40 4.44
N ARG A 13 -3.05 4.74 3.35
CA ARG A 13 -4.41 4.84 2.81
C ARG A 13 -4.95 3.46 2.43
N ALA A 14 -4.59 2.99 1.24
CA ALA A 14 -5.07 1.68 0.77
C ALA A 14 -4.20 0.55 1.31
N CYS A 15 -3.02 0.89 1.84
CA CYS A 15 -2.12 -0.13 2.37
C CYS A 15 -1.25 0.44 3.49
N VAL A 16 -0.63 -0.46 4.25
CA VAL A 16 0.22 -0.05 5.36
C VAL A 16 1.60 0.33 4.85
N ALA A 1 -4.82 -5.86 3.21
CA ALA A 1 -4.08 -6.25 1.98
C ALA A 1 -2.81 -5.40 1.84
N PRO A 2 -1.65 -5.94 2.11
CA PRO A 2 -0.37 -5.17 2.00
C PRO A 2 -0.16 -4.61 0.59
N SER A 3 0.46 -3.43 0.52
CA SER A 3 0.72 -2.78 -0.76
C SER A 3 1.34 -3.77 -1.75
N ASN A 4 2.51 -4.29 -1.39
CA ASN A 4 3.21 -5.23 -2.26
C ASN A 4 3.66 -4.52 -3.54
N VAL A 5 2.74 -4.38 -4.49
CA VAL A 5 3.06 -3.72 -5.75
C VAL A 5 2.66 -2.24 -5.71
N LEU A 6 1.40 -1.99 -5.34
CA LEU A 6 0.89 -0.62 -5.28
C LEU A 6 0.98 -0.03 -3.87
N SER A 7 1.20 -0.89 -2.88
CA SER A 7 1.29 -0.42 -1.49
C SER A 7 2.37 0.64 -1.38
N THR A 8 3.57 0.30 -1.86
CA THR A 8 4.73 1.20 -1.82
C THR A 8 4.36 2.65 -2.16
N LEU A 9 3.31 2.84 -2.97
CA LEU A 9 2.92 4.20 -3.37
C LEU A 9 1.61 4.65 -2.72
N LEU A 10 0.86 3.72 -2.13
CA LEU A 10 -0.41 4.05 -1.50
C LEU A 10 -0.41 3.74 -0.01
N HIS A 11 0.70 4.05 0.66
CA HIS A 11 0.81 3.81 2.10
C HIS A 11 -0.04 4.80 2.88
N GLY A 12 -0.63 4.33 3.97
CA GLY A 12 -1.46 5.18 4.81
C GLY A 12 -2.88 5.31 4.27
N ARG A 13 -3.16 4.62 3.15
CA ARG A 13 -4.50 4.68 2.57
C ARG A 13 -5.00 3.29 2.20
N ALA A 14 -4.56 2.79 1.05
CA ALA A 14 -4.98 1.48 0.59
C ALA A 14 -4.09 0.37 1.16
N CYS A 15 -2.97 0.75 1.78
CA CYS A 15 -2.07 -0.24 2.35
C CYS A 15 -1.29 0.34 3.52
N VAL A 16 -0.67 -0.54 4.31
CA VAL A 16 0.11 -0.11 5.47
C VAL A 16 1.28 0.76 5.03
N ALA A 1 -4.98 -5.52 3.17
CA ALA A 1 -4.26 -5.99 1.95
C ALA A 1 -2.95 -5.20 1.81
N PRO A 2 -1.81 -5.80 2.08
CA PRO A 2 -0.49 -5.11 1.97
C PRO A 2 -0.24 -4.58 0.56
N SER A 3 0.46 -3.44 0.48
CA SER A 3 0.76 -2.83 -0.80
C SER A 3 1.43 -3.83 -1.74
N ASN A 4 2.63 -4.27 -1.37
CA ASN A 4 3.39 -5.21 -2.18
C ASN A 4 3.85 -4.54 -3.47
N VAL A 5 2.92 -4.36 -4.41
CA VAL A 5 3.24 -3.72 -5.68
C VAL A 5 2.77 -2.27 -5.67
N LEU A 6 1.49 -2.06 -5.35
CA LEU A 6 0.92 -0.72 -5.32
C LEU A 6 0.99 -0.11 -3.92
N SER A 7 1.22 -0.95 -2.90
CA SER A 7 1.29 -0.45 -1.53
C SER A 7 2.36 0.63 -1.43
N THR A 8 3.54 0.33 -1.95
CA THR A 8 4.67 1.26 -1.93
C THR A 8 4.26 2.69 -2.26
N LEU A 9 3.19 2.87 -3.02
CA LEU A 9 2.76 4.21 -3.41
C LEU A 9 1.47 4.65 -2.72
N LEU A 10 0.74 3.70 -2.13
CA LEU A 10 -0.52 4.04 -1.46
C LEU A 10 -0.47 3.74 0.04
N HIS A 11 0.66 4.05 0.66
CA HIS A 11 0.81 3.80 2.09
C HIS A 11 -0.03 4.78 2.90
N GLY A 12 -0.60 4.29 4.01
CA GLY A 12 -1.42 5.12 4.87
C GLY A 12 -2.86 5.25 4.33
N ARG A 13 -3.14 4.59 3.21
CA ARG A 13 -4.48 4.65 2.63
C ARG A 13 -4.99 3.25 2.26
N ALA A 14 -4.56 2.77 1.11
CA ALA A 14 -4.97 1.45 0.64
C ALA A 14 -4.07 0.34 1.20
N CYS A 15 -2.95 0.72 1.79
CA CYS A 15 -2.03 -0.27 2.35
C CYS A 15 -1.24 0.32 3.51
N VAL A 16 -0.62 -0.56 4.29
CA VAL A 16 0.18 -0.14 5.44
C VAL A 16 1.41 0.63 4.98
N ALA A 1 -4.95 -5.58 3.20
CA ALA A 1 -4.24 -6.01 1.97
C ALA A 1 -2.94 -5.21 1.83
N PRO A 2 -1.79 -5.82 2.09
CA PRO A 2 -0.48 -5.11 1.97
C PRO A 2 -0.24 -4.58 0.56
N SER A 3 0.46 -3.44 0.48
CA SER A 3 0.75 -2.81 -0.80
C SER A 3 1.41 -3.81 -1.74
N ASN A 4 2.61 -4.25 -1.39
CA ASN A 4 3.36 -5.19 -2.22
C ASN A 4 3.80 -4.52 -3.51
N VAL A 5 2.86 -4.32 -4.44
CA VAL A 5 3.17 -3.67 -5.71
C VAL A 5 2.71 -2.21 -5.68
N LEU A 6 1.44 -2.00 -5.33
CA LEU A 6 0.87 -0.66 -5.29
C LEU A 6 0.96 -0.06 -3.88
N SER A 7 1.20 -0.91 -2.88
CA SER A 7 1.28 -0.44 -1.51
C SER A 7 2.36 0.64 -1.41
N THR A 8 3.56 0.31 -1.91
CA THR A 8 4.70 1.23 -1.88
C THR A 8 4.30 2.67 -2.22
N LEU A 9 3.25 2.85 -3.01
CA LEU A 9 2.84 4.20 -3.40
C LEU A 9 1.53 4.64 -2.74
N LEU A 10 0.81 3.69 -2.13
CA LEU A 10 -0.46 4.03 -1.49
C LEU A 10 -0.43 3.71 0.02
N HIS A 11 0.69 4.03 0.66
CA HIS A 11 0.82 3.80 2.10
C HIS A 11 -0.04 4.77 2.89
N GLY A 12 -0.64 4.27 3.97
CA GLY A 12 -1.48 5.11 4.82
C GLY A 12 -2.89 5.25 4.25
N ARG A 13 -3.15 4.61 3.11
CA ARG A 13 -4.46 4.69 2.49
C ARG A 13 -5.01 3.29 2.18
N ALA A 14 -4.53 2.70 1.09
CA ALA A 14 -4.99 1.37 0.69
C ALA A 14 -4.07 0.28 1.26
N CYS A 15 -2.95 0.67 1.84
CA CYS A 15 -2.01 -0.30 2.39
C CYS A 15 -1.22 0.29 3.56
N VAL A 16 -0.59 -0.58 4.33
CA VAL A 16 0.20 -0.16 5.48
C VAL A 16 1.38 0.71 5.03
N ALA A 1 -5.20 -5.65 1.88
CA ALA A 1 -3.95 -6.45 2.01
C ALA A 1 -2.74 -5.52 1.85
N PRO A 2 -1.57 -6.00 2.16
CA PRO A 2 -0.31 -5.20 2.05
C PRO A 2 -0.09 -4.67 0.63
N SER A 3 0.49 -3.49 0.53
CA SER A 3 0.77 -2.87 -0.77
C SER A 3 1.41 -3.86 -1.72
N ASN A 4 2.59 -4.35 -1.35
CA ASN A 4 3.32 -5.30 -2.20
C ASN A 4 3.77 -4.60 -3.48
N VAL A 5 2.86 -4.48 -4.44
CA VAL A 5 3.16 -3.82 -5.70
C VAL A 5 2.72 -2.36 -5.68
N LEU A 6 1.45 -2.13 -5.34
CA LEU A 6 0.92 -0.77 -5.31
C LEU A 6 0.99 -0.16 -3.90
N SER A 7 1.22 -0.99 -2.90
CA SER A 7 1.30 -0.51 -1.52
C SER A 7 2.36 0.58 -1.42
N THR A 8 3.56 0.28 -1.93
CA THR A 8 4.69 1.21 -1.90
C THR A 8 4.30 2.64 -2.26
N LEU A 9 3.20 2.82 -3.01
CA LEU A 9 2.79 4.16 -3.43
C LEU A 9 1.51 4.63 -2.75
N LEU A 10 0.74 3.71 -2.16
CA LEU A 10 -0.52 4.09 -1.52
C LEU A 10 -0.49 3.81 -0.01
N HIS A 11 0.64 4.11 0.62
CA HIS A 11 0.77 3.89 2.06
C HIS A 11 -0.04 4.93 2.84
N GLY A 12 -0.56 4.51 4.00
CA GLY A 12 -1.34 5.40 4.85
C GLY A 12 -2.83 5.36 4.52
N ARG A 13 -3.19 4.68 3.44
CA ARG A 13 -4.60 4.60 3.05
C ARG A 13 -4.95 3.20 2.53
N ALA A 14 -4.65 2.97 1.26
CA ALA A 14 -4.94 1.68 0.64
C ALA A 14 -4.16 0.56 1.31
N CYS A 15 -2.92 0.84 1.68
CA CYS A 15 -2.07 -0.16 2.32
C CYS A 15 -1.26 0.44 3.46
N VAL A 16 -0.72 -0.43 4.30
CA VAL A 16 0.07 0.01 5.44
C VAL A 16 1.26 0.86 4.98
N ALA A 1 -4.87 -5.74 3.20
CA ALA A 1 -4.12 -6.18 1.99
C ALA A 1 -2.84 -5.34 1.84
N PRO A 2 -1.68 -5.89 2.13
CA PRO A 2 -0.39 -5.13 2.00
C PRO A 2 -0.17 -4.60 0.59
N SER A 3 0.47 -3.44 0.49
CA SER A 3 0.74 -2.82 -0.80
C SER A 3 1.35 -3.83 -1.77
N ASN A 4 2.55 -4.32 -1.42
CA ASN A 4 3.26 -5.28 -2.26
C ASN A 4 3.72 -4.61 -3.55
N VAL A 5 2.79 -4.32 -4.45
CA VAL A 5 3.13 -3.66 -5.70
C VAL A 5 2.69 -2.19 -5.68
N LEU A 6 1.41 -1.98 -5.35
CA LEU A 6 0.87 -0.62 -5.30
C LEU A 6 0.96 -0.04 -3.88
N SER A 7 1.20 -0.91 -2.90
CA SER A 7 1.31 -0.46 -1.51
C SER A 7 2.39 0.62 -1.40
N THR A 8 3.58 0.28 -1.87
CA THR A 8 4.74 1.19 -1.82
C THR A 8 4.36 2.64 -2.17
N LEU A 9 3.32 2.83 -2.98
CA LEU A 9 2.92 4.18 -3.37
C LEU A 9 1.60 4.62 -2.75
N LEU A 10 0.86 3.68 -2.17
CA LEU A 10 -0.43 4.01 -1.56
C LEU A 10 -0.43 3.71 -0.05
N HIS A 11 0.66 4.05 0.62
CA HIS A 11 0.77 3.82 2.06
C HIS A 11 -0.08 4.82 2.83
N GLY A 12 -0.59 4.39 3.98
CA GLY A 12 -1.41 5.26 4.82
C GLY A 12 -2.87 5.30 4.36
N ARG A 13 -3.19 4.55 3.30
CA ARG A 13 -4.56 4.53 2.80
C ARG A 13 -4.96 3.14 2.33
N ALA A 14 -4.58 2.82 1.09
CA ALA A 14 -4.91 1.52 0.51
C ALA A 14 -4.08 0.41 1.14
N CYS A 15 -2.94 0.76 1.73
CA CYS A 15 -2.07 -0.22 2.34
C CYS A 15 -1.28 0.37 3.50
N VAL A 16 -0.71 -0.50 4.32
CA VAL A 16 0.08 -0.06 5.47
C VAL A 16 1.25 0.81 5.03
N ALA A 1 -5.34 -5.19 2.00
CA ALA A 1 -4.15 -6.09 2.08
C ALA A 1 -2.88 -5.25 1.90
N PRO A 2 -1.74 -5.83 2.16
CA PRO A 2 -0.43 -5.13 2.04
C PRO A 2 -0.19 -4.60 0.62
N SER A 3 0.49 -3.47 0.54
CA SER A 3 0.78 -2.85 -0.76
C SER A 3 1.47 -3.85 -1.69
N ASN A 4 2.67 -4.29 -1.30
CA ASN A 4 3.44 -5.23 -2.11
C ASN A 4 3.89 -4.55 -3.41
N VAL A 5 2.98 -4.40 -4.35
CA VAL A 5 3.30 -3.76 -5.62
C VAL A 5 2.85 -2.30 -5.62
N LEU A 6 1.57 -2.08 -5.32
CA LEU A 6 1.03 -0.73 -5.30
C LEU A 6 1.05 -0.13 -3.89
N SER A 7 1.24 -0.98 -2.88
CA SER A 7 1.30 -0.49 -1.51
C SER A 7 2.35 0.61 -1.42
N THR A 8 3.51 0.33 -2.02
CA THR A 8 4.62 1.29 -2.04
C THR A 8 4.15 2.69 -2.43
N LEU A 9 3.02 2.78 -3.14
CA LEU A 9 2.53 4.08 -3.60
C LEU A 9 1.30 4.57 -2.81
N LEU A 10 0.61 3.67 -2.12
CA LEU A 10 -0.59 4.06 -1.39
C LEU A 10 -0.47 3.75 0.11
N HIS A 11 0.66 4.08 0.70
CA HIS A 11 0.87 3.84 2.12
C HIS A 11 0.02 4.80 2.96
N GLY A 12 -0.53 4.29 4.06
CA GLY A 12 -1.35 5.11 4.94
C GLY A 12 -2.79 5.23 4.43
N ARG A 13 -3.10 4.57 3.32
CA ARG A 13 -4.45 4.65 2.77
C ARG A 13 -4.95 3.26 2.37
N ALA A 14 -4.57 2.81 1.17
CA ALA A 14 -5.00 1.51 0.69
C ALA A 14 -4.12 0.39 1.25
N CYS A 15 -2.97 0.76 1.80
CA CYS A 15 -2.06 -0.24 2.35
C CYS A 15 -1.23 0.35 3.49
N VAL A 16 -0.62 -0.52 4.28
CA VAL A 16 0.20 -0.08 5.40
C VAL A 16 1.40 0.72 4.91
N ALA A 1 -5.21 -5.67 1.87
CA ALA A 1 -3.96 -6.45 1.98
C ALA A 1 -2.76 -5.53 1.83
N PRO A 2 -1.59 -6.01 2.14
CA PRO A 2 -0.33 -5.21 2.04
C PRO A 2 -0.09 -4.69 0.62
N SER A 3 0.49 -3.50 0.52
CA SER A 3 0.78 -2.89 -0.78
C SER A 3 1.42 -3.88 -1.72
N ASN A 4 2.61 -4.36 -1.36
CA ASN A 4 3.35 -5.30 -2.19
C ASN A 4 3.80 -4.62 -3.48
N VAL A 5 2.87 -4.44 -4.41
CA VAL A 5 3.20 -3.79 -5.68
C VAL A 5 2.74 -2.33 -5.66
N LEU A 6 1.46 -2.11 -5.34
CA LEU A 6 0.91 -0.76 -5.29
C LEU A 6 0.98 -0.16 -3.89
N SER A 7 1.22 -1.00 -2.89
CA SER A 7 1.30 -0.52 -1.52
C SER A 7 2.36 0.57 -1.41
N THR A 8 3.55 0.27 -1.93
CA THR A 8 4.68 1.20 -1.89
C THR A 8 4.30 2.63 -2.28
N LEU A 9 3.19 2.80 -3.00
CA LEU A 9 2.79 4.15 -3.43
C LEU A 9 1.49 4.62 -2.77
N LEU A 10 0.72 3.70 -2.18
CA LEU A 10 -0.54 4.08 -1.55
C LEU A 10 -0.50 3.80 -0.04
N HIS A 11 0.61 4.12 0.60
CA HIS A 11 0.75 3.91 2.04
C HIS A 11 -0.07 4.93 2.82
N GLY A 12 -0.53 4.52 4.00
CA GLY A 12 -1.30 5.41 4.86
C GLY A 12 -2.79 5.43 4.49
N ARG A 13 -3.17 4.64 3.48
CA ARG A 13 -4.57 4.60 3.06
C ARG A 13 -4.94 3.22 2.55
N ALA A 14 -4.64 2.97 1.28
CA ALA A 14 -4.95 1.68 0.66
C ALA A 14 -4.18 0.55 1.33
N CYS A 15 -2.92 0.84 1.70
CA CYS A 15 -2.09 -0.17 2.34
C CYS A 15 -1.26 0.43 3.47
N VAL A 16 -0.72 -0.43 4.32
CA VAL A 16 0.07 0.02 5.45
C VAL A 16 1.26 0.87 4.97
N ALA A 1 -5.30 -5.76 1.73
CA ALA A 1 -4.02 -6.52 1.90
C ALA A 1 -2.84 -5.55 1.78
N PRO A 2 -1.67 -6.00 2.11
CA PRO A 2 -0.43 -5.16 2.04
C PRO A 2 -0.17 -4.66 0.62
N SER A 3 0.37 -3.44 0.53
CA SER A 3 0.67 -2.84 -0.77
C SER A 3 1.41 -3.82 -1.67
N ASN A 4 2.52 -4.35 -1.17
CA ASN A 4 3.34 -5.28 -1.95
C ASN A 4 3.96 -4.52 -3.12
N VAL A 5 3.17 -4.37 -4.19
CA VAL A 5 3.65 -3.64 -5.36
C VAL A 5 3.00 -2.25 -5.38
N LEU A 6 1.68 -2.23 -5.36
CA LEU A 6 0.93 -0.97 -5.37
C LEU A 6 1.03 -0.26 -4.02
N SER A 7 1.06 -1.04 -2.94
CA SER A 7 1.14 -0.48 -1.58
C SER A 7 2.21 0.61 -1.53
N THR A 8 3.37 0.30 -2.09
CA THR A 8 4.50 1.24 -2.11
C THR A 8 4.09 2.68 -2.43
N LEU A 9 2.99 2.86 -3.14
CA LEU A 9 2.56 4.21 -3.52
C LEU A 9 1.30 4.67 -2.77
N LEU A 10 0.57 3.75 -2.15
CA LEU A 10 -0.65 4.12 -1.43
C LEU A 10 -0.53 3.81 0.07
N HIS A 11 0.63 4.11 0.64
CA HIS A 11 0.84 3.87 2.07
C HIS A 11 0.05 4.87 2.90
N GLY A 12 -0.48 4.39 4.03
CA GLY A 12 -1.24 5.25 4.92
C GLY A 12 -2.68 5.43 4.45
N ARG A 13 -3.04 4.76 3.34
CA ARG A 13 -4.40 4.89 2.82
C ARG A 13 -4.97 3.51 2.48
N ALA A 14 -4.62 3.01 1.30
CA ALA A 14 -5.11 1.71 0.86
C ALA A 14 -4.22 0.56 1.34
N CYS A 15 -3.04 0.91 1.87
CA CYS A 15 -2.13 -0.12 2.35
C CYS A 15 -1.23 0.41 3.45
N VAL A 16 -0.58 -0.50 4.17
CA VAL A 16 0.31 -0.11 5.26
C VAL A 16 1.75 0.05 4.76
N ALA A 1 -5.30 -5.69 1.67
CA ALA A 1 -4.04 -6.47 1.86
C ALA A 1 -2.84 -5.52 1.75
N PRO A 2 -1.67 -5.99 2.11
CA PRO A 2 -0.42 -5.18 2.05
C PRO A 2 -0.14 -4.66 0.64
N SER A 3 0.42 -3.46 0.56
CA SER A 3 0.73 -2.84 -0.73
C SER A 3 1.46 -3.83 -1.63
N ASN A 4 2.65 -4.25 -1.20
CA ASN A 4 3.45 -5.18 -1.98
C ASN A 4 3.93 -4.51 -3.28
N VAL A 5 3.05 -4.48 -4.28
CA VAL A 5 3.39 -3.86 -5.55
C VAL A 5 2.90 -2.40 -5.61
N LEU A 6 1.63 -2.19 -5.27
CA LEU A 6 1.06 -0.85 -5.30
C LEU A 6 1.06 -0.20 -3.91
N SER A 7 1.21 -1.01 -2.87
CA SER A 7 1.23 -0.49 -1.51
C SER A 7 2.27 0.62 -1.43
N THR A 8 3.43 0.34 -2.03
CA THR A 8 4.54 1.30 -2.06
C THR A 8 4.08 2.70 -2.45
N LEU A 9 2.96 2.79 -3.15
CA LEU A 9 2.45 4.09 -3.61
C LEU A 9 1.24 4.59 -2.82
N LEU A 10 0.55 3.70 -2.11
CA LEU A 10 -0.64 4.09 -1.36
C LEU A 10 -0.51 3.81 0.13
N HIS A 11 0.65 4.14 0.69
CA HIS A 11 0.87 3.92 2.13
C HIS A 11 0.05 4.91 2.96
N GLY A 12 -0.50 4.42 4.06
CA GLY A 12 -1.29 5.27 4.95
C GLY A 12 -2.73 5.43 4.44
N ARG A 13 -3.06 4.78 3.33
CA ARG A 13 -4.41 4.88 2.78
C ARG A 13 -4.97 3.51 2.44
N ALA A 14 -4.61 3.00 1.25
CA ALA A 14 -5.10 1.70 0.81
C ALA A 14 -4.21 0.55 1.32
N CYS A 15 -3.04 0.88 1.84
CA CYS A 15 -2.13 -0.13 2.35
C CYS A 15 -1.25 0.41 3.46
N VAL A 16 -0.61 -0.50 4.19
CA VAL A 16 0.27 -0.10 5.29
C VAL A 16 1.69 0.14 4.78
N ALA A 1 -5.43 -5.36 1.82
CA ALA A 1 -4.21 -6.20 1.96
C ALA A 1 -2.97 -5.31 1.81
N PRO A 2 -1.81 -5.83 2.13
CA PRO A 2 -0.52 -5.07 2.03
C PRO A 2 -0.26 -4.58 0.61
N SER A 3 0.41 -3.44 0.50
CA SER A 3 0.72 -2.87 -0.80
C SER A 3 1.46 -3.87 -1.69
N ASN A 4 2.63 -4.31 -1.22
CA ASN A 4 3.46 -5.25 -1.97
C ASN A 4 4.03 -4.52 -3.19
N VAL A 5 3.19 -4.30 -4.20
CA VAL A 5 3.62 -3.59 -5.40
C VAL A 5 2.98 -2.21 -5.42
N LEU A 6 1.64 -2.19 -5.38
CA LEU A 6 0.90 -0.93 -5.38
C LEU A 6 1.01 -0.23 -4.01
N SER A 7 1.08 -1.04 -2.95
CA SER A 7 1.19 -0.50 -1.59
C SER A 7 2.25 0.59 -1.53
N THR A 8 3.42 0.29 -2.11
CA THR A 8 4.54 1.22 -2.14
C THR A 8 4.14 2.66 -2.49
N LEU A 9 3.00 2.84 -3.16
CA LEU A 9 2.57 4.18 -3.55
C LEU A 9 1.32 4.64 -2.81
N LEU A 10 0.59 3.72 -2.18
CA LEU A 10 -0.63 4.09 -1.46
C LEU A 10 -0.53 3.76 0.02
N HIS A 11 0.63 4.06 0.61
CA HIS A 11 0.83 3.81 2.04
C HIS A 11 0.04 4.79 2.89
N GLY A 12 -0.46 4.30 4.03
CA GLY A 12 -1.23 5.14 4.93
C GLY A 12 -2.70 5.24 4.52
N ARG A 13 -3.07 4.55 3.44
CA ARG A 13 -4.46 4.58 2.99
C ARG A 13 -4.92 3.21 2.53
N ALA A 14 -4.63 2.86 1.28
CA ALA A 14 -5.02 1.56 0.74
C ALA A 14 -4.15 0.45 1.32
N CYS A 15 -2.96 0.82 1.80
CA CYS A 15 -2.04 -0.17 2.36
C CYS A 15 -1.20 0.44 3.47
N VAL A 16 -0.59 -0.43 4.27
CA VAL A 16 0.26 0.01 5.38
C VAL A 16 1.61 0.52 4.87
N ALA A 1 -5.16 -5.50 2.09
CA ALA A 1 -3.93 -6.33 2.15
C ALA A 1 -2.71 -5.44 1.97
N PRO A 2 -1.53 -5.97 2.21
CA PRO A 2 -0.26 -5.19 2.07
C PRO A 2 -0.08 -4.64 0.66
N SER A 3 0.52 -3.46 0.57
CA SER A 3 0.75 -2.81 -0.72
C SER A 3 1.37 -3.79 -1.71
N ASN A 4 2.56 -4.30 -1.37
CA ASN A 4 3.26 -5.23 -2.24
C ASN A 4 3.68 -4.52 -3.53
N VAL A 5 2.74 -4.39 -4.47
CA VAL A 5 3.03 -3.72 -5.73
C VAL A 5 2.60 -2.25 -5.69
N LEU A 6 1.34 -2.02 -5.31
CA LEU A 6 0.81 -0.66 -5.24
C LEU A 6 0.91 -0.07 -3.84
N SER A 7 1.18 -0.92 -2.84
CA SER A 7 1.29 -0.44 -1.46
C SER A 7 2.36 0.63 -1.37
N THR A 8 3.54 0.33 -1.89
CA THR A 8 4.68 1.24 -1.88
C THR A 8 4.28 2.68 -2.22
N LEU A 9 3.21 2.85 -3.01
CA LEU A 9 2.78 4.19 -3.41
C LEU A 9 1.48 4.62 -2.73
N LEU A 10 0.78 3.68 -2.09
CA LEU A 10 -0.49 4.00 -1.43
C LEU A 10 -0.43 3.70 0.07
N HIS A 11 0.68 4.04 0.70
CA HIS A 11 0.82 3.79 2.13
C HIS A 11 -0.03 4.76 2.95
N GLY A 12 -0.69 4.25 3.97
CA GLY A 12 -1.54 5.06 4.83
C GLY A 12 -2.92 5.27 4.22
N ARG A 13 -3.14 4.75 3.01
CA ARG A 13 -4.42 4.90 2.35
C ARG A 13 -5.03 3.54 2.04
N ALA A 14 -4.42 2.82 1.09
CA ALA A 14 -4.91 1.51 0.70
C ALA A 14 -4.05 0.38 1.27
N CYS A 15 -2.92 0.75 1.87
CA CYS A 15 -2.02 -0.26 2.44
C CYS A 15 -1.22 0.32 3.60
N VAL A 16 -0.60 -0.57 4.37
CA VAL A 16 0.20 -0.15 5.52
C VAL A 16 1.39 0.70 5.05
#